data_2LX4
#
_entry.id   2LX4
#
_entity_poly.entity_id   1
_entity_poly.type   'polypeptide(L)'
_entity_poly.pdbx_seq_one_letter_code
;MGSLFRSESMCLAQLFL
;
_entity_poly.pdbx_strand_id   A
#
# COMPACT_ATOMS: atom_id res chain seq x y z
N MET A 1 9.57 -2.34 11.40
CA MET A 1 9.05 -1.37 10.44
C MET A 1 7.60 -1.67 10.08
N GLY A 2 7.27 -2.96 10.01
CA GLY A 2 5.92 -3.37 9.69
C GLY A 2 5.69 -3.46 8.19
N SER A 3 6.73 -3.86 7.47
CA SER A 3 6.64 -4.00 6.02
C SER A 3 6.06 -2.73 5.40
N LEU A 4 6.91 -1.74 5.18
CA LEU A 4 6.50 -0.47 4.58
C LEU A 4 5.71 -0.72 3.29
N PHE A 5 5.96 -1.85 2.66
CA PHE A 5 5.28 -2.21 1.41
C PHE A 5 3.77 -2.19 1.60
N ARG A 6 3.32 -2.52 2.81
CA ARG A 6 1.89 -2.54 3.11
C ARG A 6 1.31 -1.14 3.11
N SER A 7 2.14 -0.16 3.48
CA SER A 7 1.71 1.23 3.52
C SER A 7 1.51 1.79 2.11
N GLU A 8 2.39 1.37 1.20
CA GLU A 8 2.33 1.83 -0.18
C GLU A 8 1.32 1.01 -0.98
N SER A 9 1.22 -0.28 -0.64
CA SER A 9 0.29 -1.17 -1.32
C SER A 9 -1.16 -0.72 -1.14
N MET A 10 -1.49 -0.35 0.09
CA MET A 10 -2.84 0.11 0.41
C MET A 10 -3.08 1.52 -0.14
N CYS A 11 -2.00 2.18 -0.52
CA CYS A 11 -2.10 3.54 -1.06
C CYS A 11 -2.49 3.52 -2.53
N LEU A 12 -2.03 2.48 -3.24
CA LEU A 12 -2.33 2.34 -4.66
C LEU A 12 -3.50 1.39 -4.88
N ALA A 13 -3.50 0.28 -4.14
CA ALA A 13 -4.56 -0.71 -4.25
C ALA A 13 -5.94 -0.06 -4.15
N GLN A 14 -6.07 0.90 -3.24
CA GLN A 14 -7.33 1.60 -3.05
C GLN A 14 -7.79 2.26 -4.35
N LEU A 15 -6.93 3.10 -4.92
CA LEU A 15 -7.26 3.78 -6.17
C LEU A 15 -7.07 2.86 -7.37
N PHE A 16 -6.74 1.60 -7.08
CA PHE A 16 -6.54 0.62 -8.14
C PHE A 16 -7.83 -0.13 -8.45
N LEU A 17 -8.71 -0.20 -7.45
CA LEU A 17 -9.99 -0.89 -7.62
C LEU A 17 -11.03 0.04 -8.22
N MET A 1 11.56 0.46 9.56
CA MET A 1 10.29 0.09 8.95
C MET A 1 9.92 1.08 7.84
N GLY A 2 10.94 1.69 7.23
CA GLY A 2 10.69 2.65 6.18
C GLY A 2 10.40 1.99 4.84
N SER A 3 10.88 0.75 4.67
CA SER A 3 10.68 0.01 3.44
C SER A 3 9.41 -0.84 3.53
N LEU A 4 8.33 -0.24 4.02
CA LEU A 4 7.06 -0.94 4.16
C LEU A 4 6.44 -1.21 2.79
N PHE A 5 5.91 -2.41 2.61
CA PHE A 5 5.29 -2.80 1.35
C PHE A 5 3.83 -3.19 1.57
N ARG A 6 3.56 -3.78 2.74
CA ARG A 6 2.20 -4.21 3.07
C ARG A 6 1.21 -3.07 2.90
N SER A 7 1.55 -1.91 3.44
CA SER A 7 0.69 -0.73 3.35
C SER A 7 0.62 -0.22 1.91
N GLU A 8 1.74 -0.31 1.20
CA GLU A 8 1.81 0.14 -0.18
C GLU A 8 0.70 -0.50 -1.02
N SER A 9 0.57 -1.82 -0.91
CA SER A 9 -0.44 -2.55 -1.66
C SER A 9 -1.84 -2.00 -1.37
N MET A 10 -2.06 -1.60 -0.12
CA MET A 10 -3.35 -1.06 0.29
C MET A 10 -3.46 0.42 -0.07
N CYS A 11 -2.33 1.01 -0.46
CA CYS A 11 -2.29 2.42 -0.82
C CYS A 11 -2.58 2.60 -2.31
N LEU A 12 -2.22 1.60 -3.10
CA LEU A 12 -2.44 1.66 -4.54
C LEU A 12 -3.73 0.93 -4.93
N ALA A 13 -3.93 -0.24 -4.33
CA ALA A 13 -5.13 -1.03 -4.61
C ALA A 13 -6.39 -0.18 -4.49
N GLN A 14 -6.43 0.67 -3.47
CA GLN A 14 -7.58 1.54 -3.25
C GLN A 14 -7.86 2.41 -4.48
N LEU A 15 -6.86 3.15 -4.91
CA LEU A 15 -7.00 4.02 -6.07
C LEU A 15 -6.88 3.22 -7.37
N PHE A 16 -6.76 1.90 -7.24
CA PHE A 16 -6.65 1.02 -8.39
C PHE A 16 -8.02 0.53 -8.83
N LEU A 17 -8.95 0.48 -7.89
CA LEU A 17 -10.31 0.03 -8.19
C LEU A 17 -11.17 1.17 -8.72
N MET A 1 9.76 0.69 10.28
CA MET A 1 11.08 1.27 10.00
C MET A 1 10.96 2.39 8.99
N GLY A 2 10.06 2.23 8.02
CA GLY A 2 9.88 3.25 7.00
C GLY A 2 9.77 2.66 5.60
N SER A 3 10.41 1.52 5.40
CA SER A 3 10.40 0.86 4.10
C SER A 3 9.26 -0.14 4.02
N LEU A 4 8.07 0.30 4.44
CA LEU A 4 6.89 -0.55 4.41
C LEU A 4 6.37 -0.73 2.99
N PHE A 5 5.99 -1.96 2.64
CA PHE A 5 5.48 -2.26 1.31
C PHE A 5 4.06 -2.81 1.39
N ARG A 6 3.76 -3.50 2.47
CA ARG A 6 2.43 -4.08 2.67
C ARG A 6 1.35 -3.02 2.51
N SER A 7 1.52 -1.90 3.22
CA SER A 7 0.56 -0.81 3.17
C SER A 7 0.53 -0.16 1.79
N GLU A 8 1.70 -0.08 1.16
CA GLU A 8 1.83 0.51 -0.16
C GLU A 8 0.85 -0.13 -1.14
N SER A 9 0.83 -1.46 -1.16
CA SER A 9 -0.05 -2.19 -2.06
C SER A 9 -1.52 -1.82 -1.80
N MET A 10 -1.86 -1.64 -0.53
CA MET A 10 -3.21 -1.29 -0.15
C MET A 10 -3.45 0.21 -0.32
N CYS A 11 -2.38 0.95 -0.61
CA CYS A 11 -2.48 2.40 -0.79
C CYS A 11 -2.72 2.74 -2.26
N LEU A 12 -2.21 1.91 -3.15
CA LEU A 12 -2.37 2.12 -4.58
C LEU A 12 -3.53 1.28 -5.13
N ALA A 13 -3.80 0.15 -4.47
CA ALA A 13 -4.88 -0.73 -4.89
C ALA A 13 -6.23 -0.04 -4.79
N GLN A 14 -6.41 0.74 -3.73
CA GLN A 14 -7.66 1.45 -3.51
C GLN A 14 -7.98 2.36 -4.69
N LEU A 15 -7.05 3.25 -5.03
CA LEU A 15 -7.24 4.17 -6.14
C LEU A 15 -6.99 3.48 -7.47
N PHE A 16 -6.71 2.19 -7.41
CA PHE A 16 -6.46 1.40 -8.61
C PHE A 16 -7.75 0.79 -9.15
N LEU A 17 -8.72 0.59 -8.26
CA LEU A 17 -10.00 0.01 -8.66
C LEU A 17 -10.95 1.09 -9.16
N MET A 1 2.14 -3.56 10.39
CA MET A 1 3.21 -2.96 11.19
C MET A 1 3.56 -1.57 10.67
N GLY A 2 3.49 -1.39 9.35
CA GLY A 2 3.79 -0.11 8.75
C GLY A 2 5.27 0.03 8.41
N SER A 3 5.86 -1.04 7.92
CA SER A 3 7.27 -1.04 7.56
C SER A 3 7.59 0.13 6.62
N LEU A 4 7.08 0.06 5.40
CA LEU A 4 7.31 1.11 4.42
C LEU A 4 6.57 0.82 3.12
N PHE A 5 6.84 -0.35 2.55
CA PHE A 5 6.20 -0.76 1.31
C PHE A 5 4.74 -1.14 1.54
N ARG A 6 4.45 -1.67 2.72
CA ARG A 6 3.11 -2.08 3.07
C ARG A 6 2.16 -0.88 3.11
N SER A 7 2.70 0.27 3.53
CA SER A 7 1.91 1.50 3.62
C SER A 7 1.67 2.08 2.23
N GLU A 8 2.65 1.94 1.35
CA GLU A 8 2.53 2.46 -0.01
C GLU A 8 1.66 1.53 -0.87
N SER A 9 1.78 0.24 -0.62
CA SER A 9 1.01 -0.75 -1.37
C SER A 9 -0.49 -0.57 -1.14
N MET A 10 -0.86 -0.32 0.12
CA MET A 10 -2.26 -0.13 0.48
C MET A 10 -2.75 1.26 0.04
N CYS A 11 -1.80 2.13 -0.30
CA CYS A 11 -2.14 3.48 -0.74
C CYS A 11 -2.55 3.49 -2.22
N LEU A 12 -1.95 2.59 -2.99
CA LEU A 12 -2.24 2.50 -4.42
C LEU A 12 -3.25 1.38 -4.70
N ALA A 13 -3.05 0.24 -4.04
CA ALA A 13 -3.94 -0.91 -4.22
C ALA A 13 -5.40 -0.49 -4.05
N GLN A 14 -5.65 0.36 -3.06
CA GLN A 14 -7.01 0.83 -2.80
C GLN A 14 -7.61 1.50 -4.03
N LEU A 15 -6.91 2.50 -4.55
CA LEU A 15 -7.38 3.22 -5.74
C LEU A 15 -7.08 2.43 -7.00
N PHE A 16 -6.54 1.23 -6.83
CA PHE A 16 -6.21 0.37 -7.97
C PHE A 16 -7.37 -0.55 -8.31
N LEU A 17 -8.20 -0.84 -7.31
CA LEU A 17 -9.36 -1.71 -7.51
C LEU A 17 -10.55 -0.92 -8.02
N MET A 1 15.46 -1.41 6.43
CA MET A 1 14.56 -0.67 7.30
C MET A 1 13.33 -1.50 7.66
N GLY A 2 12.86 -2.29 6.70
CA GLY A 2 11.70 -3.13 6.92
C GLY A 2 10.74 -3.14 5.74
N SER A 3 10.88 -2.14 4.88
CA SER A 3 10.02 -2.03 3.70
C SER A 3 8.55 -2.19 4.09
N LEU A 4 7.99 -1.13 4.68
CA LEU A 4 6.59 -1.15 5.10
C LEU A 4 5.67 -1.32 3.90
N PHE A 5 4.87 -2.38 3.92
CA PHE A 5 3.93 -2.67 2.84
C PHE A 5 2.49 -2.64 3.34
N ARG A 6 2.33 -2.56 4.66
CA ARG A 6 1.00 -2.53 5.26
C ARG A 6 0.17 -1.39 4.68
N SER A 7 0.70 -0.18 4.75
CA SER A 7 0.00 0.99 4.23
C SER A 7 -0.04 0.97 2.71
N GLU A 8 1.00 0.41 2.11
CA GLU A 8 1.09 0.33 0.65
C GLU A 8 -0.16 -0.33 0.06
N SER A 9 -0.60 -1.41 0.70
CA SER A 9 -1.78 -2.13 0.24
C SER A 9 -2.98 -1.20 0.13
N MET A 10 -3.07 -0.25 1.06
CA MET A 10 -4.17 0.70 1.06
C MET A 10 -3.89 1.86 0.12
N CYS A 11 -2.64 1.99 -0.31
CA CYS A 11 -2.24 3.06 -1.22
C CYS A 11 -2.44 2.63 -2.67
N LEU A 12 -2.35 1.33 -2.92
CA LEU A 12 -2.50 0.79 -4.27
C LEU A 12 -3.94 0.32 -4.49
N ALA A 13 -4.48 -0.42 -3.52
CA ALA A 13 -5.84 -0.92 -3.62
C ALA A 13 -6.81 0.19 -3.99
N GLN A 14 -6.62 1.36 -3.41
CA GLN A 14 -7.48 2.50 -3.68
C GLN A 14 -7.50 2.83 -5.16
N LEU A 15 -6.32 3.07 -5.73
CA LEU A 15 -6.20 3.38 -7.15
C LEU A 15 -6.31 2.13 -8.01
N PHE A 16 -6.56 1.00 -7.35
CA PHE A 16 -6.69 -0.27 -8.06
C PHE A 16 -8.14 -0.54 -8.45
N LEU A 17 -9.06 0.03 -7.68
CA LEU A 17 -10.48 -0.14 -7.94
C LEU A 17 -10.98 0.87 -8.97
N MET A 1 3.49 -3.91 10.30
CA MET A 1 4.47 -3.10 11.02
C MET A 1 4.55 -1.71 10.43
N GLY A 2 4.41 -1.61 9.11
CA GLY A 2 4.47 -0.33 8.44
C GLY A 2 5.88 0.05 8.02
N SER A 3 6.63 -0.93 7.52
CA SER A 3 8.01 -0.72 7.09
C SER A 3 8.08 0.46 6.13
N LEU A 4 7.53 0.27 4.93
CA LEU A 4 7.54 1.32 3.91
C LEU A 4 6.81 0.85 2.65
N PHE A 5 7.25 -0.27 2.10
CA PHE A 5 6.63 -0.82 0.89
C PHE A 5 5.28 -1.45 1.21
N ARG A 6 5.04 -1.70 2.49
CA ARG A 6 3.80 -2.31 2.94
C ARG A 6 2.64 -1.33 2.84
N SER A 7 2.81 -0.16 3.44
CA SER A 7 1.78 0.87 3.42
C SER A 7 1.58 1.42 2.01
N GLU A 8 2.66 1.46 1.25
CA GLU A 8 2.60 1.95 -0.13
C GLU A 8 1.71 1.07 -0.99
N SER A 9 1.72 -0.23 -0.71
CA SER A 9 0.91 -1.18 -1.47
C SER A 9 -0.58 -0.95 -1.21
N MET A 10 -0.91 -0.65 0.04
CA MET A 10 -2.30 -0.40 0.42
C MET A 10 -2.74 1.01 0.03
N CYS A 11 -1.77 1.83 -0.33
CA CYS A 11 -2.03 3.22 -0.72
C CYS A 11 -2.42 3.30 -2.20
N LEU A 12 -1.86 2.40 -3.00
CA LEU A 12 -2.14 2.38 -4.43
C LEU A 12 -3.19 1.32 -4.76
N ALA A 13 -3.25 0.27 -3.93
CA ALA A 13 -4.21 -0.80 -4.12
C ALA A 13 -5.64 -0.28 -4.01
N GLN A 14 -5.87 0.61 -3.05
CA GLN A 14 -7.19 1.17 -2.85
C GLN A 14 -7.71 1.86 -4.11
N LEU A 15 -6.92 2.80 -4.63
CA LEU A 15 -7.29 3.52 -5.84
C LEU A 15 -7.03 2.68 -7.08
N PHE A 16 -6.58 1.45 -6.87
CA PHE A 16 -6.29 0.55 -7.98
C PHE A 16 -7.51 -0.29 -8.33
N LEU A 17 -8.38 -0.50 -7.35
CA LEU A 17 -9.59 -1.28 -7.56
C LEU A 17 -10.71 -0.42 -8.12
N MET A 1 12.90 -1.72 9.40
CA MET A 1 13.53 -1.55 8.10
C MET A 1 13.22 -0.18 7.51
N GLY A 2 12.01 0.30 7.75
CA GLY A 2 11.60 1.60 7.25
C GLY A 2 11.05 1.51 5.84
N SER A 3 10.46 0.37 5.49
CA SER A 3 9.89 0.17 4.17
C SER A 3 8.52 -0.48 4.25
N LEU A 4 7.55 0.27 4.77
CA LEU A 4 6.19 -0.23 4.91
C LEU A 4 5.62 -0.65 3.56
N PHE A 5 5.00 -1.83 3.54
CA PHE A 5 4.41 -2.35 2.30
C PHE A 5 2.92 -2.60 2.48
N ARG A 6 2.52 -2.94 3.69
CA ARG A 6 1.12 -3.21 4.00
C ARG A 6 0.24 -2.05 3.53
N SER A 7 0.66 -0.83 3.86
CA SER A 7 -0.10 0.36 3.48
C SER A 7 0.01 0.62 1.98
N GLU A 8 1.17 0.30 1.41
CA GLU A 8 1.40 0.49 -0.02
C GLU A 8 0.31 -0.19 -0.84
N SER A 9 0.02 -1.44 -0.50
CA SER A 9 -1.00 -2.21 -1.22
C SER A 9 -2.36 -1.53 -1.12
N MET A 10 -2.64 -0.93 0.03
CA MET A 10 -3.90 -0.23 0.25
C MET A 10 -3.87 1.16 -0.36
N CYS A 11 -2.68 1.60 -0.74
CA CYS A 11 -2.52 2.93 -1.33
C CYS A 11 -2.73 2.88 -2.85
N LEU A 12 -2.43 1.73 -3.44
CA LEU A 12 -2.58 1.55 -4.88
C LEU A 12 -3.90 0.85 -5.20
N ALA A 13 -4.20 -0.19 -4.43
CA ALA A 13 -5.45 -0.94 -4.63
C ALA A 13 -6.65 -0.02 -4.70
N GLN A 14 -6.66 1.00 -3.84
CA GLN A 14 -7.76 1.96 -3.81
C GLN A 14 -7.94 2.62 -5.17
N LEU A 15 -6.88 3.23 -5.69
CA LEU A 15 -6.92 3.90 -6.98
C LEU A 15 -6.82 2.89 -8.12
N PHE A 16 -6.79 1.60 -7.76
CA PHE A 16 -6.69 0.55 -8.76
C PHE A 16 -8.09 0.07 -9.18
N LEU A 17 -9.06 0.23 -8.28
CA LEU A 17 -10.42 -0.18 -8.56
C LEU A 17 -11.18 0.91 -9.31
N MET A 1 12.79 -3.12 9.78
CA MET A 1 11.91 -4.26 9.53
C MET A 1 10.45 -3.86 9.68
N GLY A 2 10.16 -2.59 9.42
CA GLY A 2 8.80 -2.10 9.54
C GLY A 2 7.96 -2.44 8.32
N SER A 3 8.61 -2.61 7.19
CA SER A 3 7.92 -2.94 5.94
C SER A 3 6.78 -1.96 5.69
N LEU A 4 7.11 -0.77 5.20
CA LEU A 4 6.12 0.25 4.91
C LEU A 4 5.18 -0.20 3.79
N PHE A 5 5.56 -1.29 3.12
CA PHE A 5 4.75 -1.82 2.02
C PHE A 5 3.33 -2.14 2.51
N ARG A 6 3.20 -2.40 3.80
CA ARG A 6 1.91 -2.72 4.39
C ARG A 6 0.86 -1.67 4.02
N SER A 7 1.23 -0.40 4.19
CA SER A 7 0.32 0.70 3.89
C SER A 7 0.24 0.93 2.38
N GLU A 8 1.33 0.65 1.68
CA GLU A 8 1.39 0.82 0.24
C GLU A 8 0.26 0.07 -0.45
N SER A 9 -0.02 -1.14 0.05
CA SER A 9 -1.08 -1.97 -0.51
C SER A 9 -2.42 -1.24 -0.48
N MET A 10 -2.64 -0.45 0.57
CA MET A 10 -3.87 0.30 0.71
C MET A 10 -3.82 1.61 -0.07
N CYS A 11 -2.61 2.02 -0.45
CA CYS A 11 -2.41 3.24 -1.21
C CYS A 11 -2.60 3.00 -2.70
N LEU A 12 -2.35 1.77 -3.13
CA LEU A 12 -2.50 1.40 -4.54
C LEU A 12 -3.84 0.74 -4.80
N ALA A 13 -4.18 -0.24 -3.96
CA ALA A 13 -5.44 -0.96 -4.10
C ALA A 13 -6.61 0.01 -4.24
N GLN A 14 -6.57 1.09 -3.47
CA GLN A 14 -7.63 2.09 -3.50
C GLN A 14 -7.79 2.65 -4.91
N LEU A 15 -6.72 3.17 -5.46
CA LEU A 15 -6.74 3.75 -6.80
C LEU A 15 -6.69 2.65 -7.86
N PHE A 16 -6.70 1.40 -7.42
CA PHE A 16 -6.66 0.27 -8.33
C PHE A 16 -8.07 -0.18 -8.71
N LEU A 17 -9.03 0.08 -7.81
CA LEU A 17 -10.42 -0.30 -8.06
C LEU A 17 -11.13 0.77 -8.89
N MET A 1 12.04 -6.81 3.04
CA MET A 1 12.99 -5.79 3.47
C MET A 1 12.54 -5.16 4.79
N GLY A 2 11.24 -5.01 4.96
CA GLY A 2 10.71 -4.43 6.19
C GLY A 2 10.63 -2.91 6.12
N SER A 3 10.41 -2.39 4.92
CA SER A 3 10.33 -0.95 4.73
C SER A 3 8.93 -0.43 5.07
N LEU A 4 8.02 -0.53 4.11
CA LEU A 4 6.64 -0.07 4.30
C LEU A 4 5.67 -0.94 3.52
N PHE A 5 4.69 -1.51 4.22
CA PHE A 5 3.68 -2.36 3.59
C PHE A 5 2.27 -1.86 3.89
N ARG A 6 2.13 -1.16 5.01
CA ARG A 6 0.84 -0.63 5.42
C ARG A 6 0.47 0.60 4.60
N SER A 7 1.20 1.69 4.82
CA SER A 7 0.94 2.94 4.11
C SER A 7 1.02 2.72 2.60
N GLU A 8 1.80 1.72 2.18
CA GLU A 8 1.97 1.42 0.77
C GLU A 8 0.78 0.60 0.26
N SER A 9 0.23 -0.24 1.13
CA SER A 9 -0.91 -1.07 0.75
C SER A 9 -2.12 -0.22 0.40
N MET A 10 -2.40 0.77 1.23
CA MET A 10 -3.53 1.66 1.00
C MET A 10 -3.24 2.63 -0.14
N CYS A 11 -1.98 2.69 -0.55
CA CYS A 11 -1.56 3.58 -1.62
C CYS A 11 -1.86 2.97 -2.99
N LEU A 12 -1.72 1.64 -3.07
CA LEU A 12 -1.96 0.93 -4.32
C LEU A 12 -3.36 0.31 -4.33
N ALA A 13 -3.89 0.01 -3.13
CA ALA A 13 -5.21 -0.57 -3.00
C ALA A 13 -6.28 0.38 -3.53
N GLN A 14 -6.11 1.67 -3.24
CA GLN A 14 -7.07 2.68 -3.68
C GLN A 14 -7.21 2.66 -5.20
N LEU A 15 -6.09 2.81 -5.90
CA LEU A 15 -6.10 2.80 -7.36
C LEU A 15 -6.20 1.39 -7.91
N PHE A 16 -6.32 0.42 -7.01
CA PHE A 16 -6.43 -0.98 -7.40
C PHE A 16 -7.89 -1.37 -7.59
N LEU A 17 -8.79 -0.68 -6.89
CA LEU A 17 -10.21 -0.97 -6.98
C LEU A 17 -10.84 -0.24 -8.16
N MET A 1 7.24 -3.55 11.19
CA MET A 1 7.01 -2.19 10.68
C MET A 1 6.15 -2.22 9.42
N GLY A 2 6.36 -3.24 8.60
CA GLY A 2 5.60 -3.36 7.37
C GLY A 2 6.49 -3.45 6.14
N SER A 3 7.80 -3.49 6.36
CA SER A 3 8.76 -3.56 5.26
C SER A 3 8.67 -2.33 4.38
N LEU A 4 8.01 -1.29 4.88
CA LEU A 4 7.86 -0.05 4.13
C LEU A 4 6.89 -0.23 2.96
N PHE A 5 6.52 -1.48 2.70
CA PHE A 5 5.59 -1.78 1.61
C PHE A 5 4.33 -2.45 2.14
N ARG A 6 4.02 -2.19 3.40
CA ARG A 6 2.84 -2.76 4.04
C ARG A 6 1.60 -1.92 3.74
N SER A 7 1.60 -0.68 4.19
CA SER A 7 0.47 0.22 3.98
C SER A 7 0.40 0.67 2.52
N GLU A 8 1.57 0.72 1.88
CA GLU A 8 1.64 1.13 0.48
C GLU A 8 0.72 0.28 -0.39
N SER A 9 0.62 -1.01 -0.05
CA SER A 9 -0.23 -1.93 -0.81
C SER A 9 -1.70 -1.58 -0.63
N MET A 10 -2.06 -1.15 0.58
CA MET A 10 -3.44 -0.78 0.88
C MET A 10 -3.72 0.66 0.50
N CYS A 11 -2.66 1.40 0.16
CA CYS A 11 -2.78 2.80 -0.22
C CYS A 11 -2.85 2.94 -1.73
N LEU A 12 -2.30 1.97 -2.44
CA LEU A 12 -2.30 2.00 -3.90
C LEU A 12 -3.42 1.12 -4.46
N ALA A 13 -3.59 -0.06 -3.87
CA ALA A 13 -4.63 -0.98 -4.31
C ALA A 13 -5.98 -0.29 -4.39
N GLN A 14 -6.27 0.56 -3.41
CA GLN A 14 -7.53 1.28 -3.38
C GLN A 14 -7.72 2.11 -4.64
N LEU A 15 -6.76 2.97 -4.94
CA LEU A 15 -6.83 3.81 -6.13
C LEU A 15 -6.44 3.03 -7.38
N PHE A 16 -6.18 1.73 -7.20
CA PHE A 16 -5.80 0.88 -8.32
C PHE A 16 -7.02 0.22 -8.95
N LEU A 17 -8.07 0.07 -8.15
CA LEU A 17 -9.31 -0.54 -8.64
C LEU A 17 -10.20 0.50 -9.31
#